data_7NA9
#
_entry.id   7NA9
#
_cell.length_a   61.417
_cell.length_b   97.018
_cell.length_c   101.904
_cell.angle_alpha   90.000
_cell.angle_beta   90.000
_cell.angle_gamma   90.000
#
_symmetry.space_group_name_H-M   'P 21 21 21'
#
loop_
_entity.id
_entity.type
_entity.pdbx_description
1 polymer 'Botulinum neurotoxin type B'
2 polymer JSG-C1
3 non-polymer 1,2-ETHANEDIOL
4 non-polymer 'ZINC ION'
5 water water
#
loop_
_entity_poly.entity_id
_entity_poly.type
_entity_poly.pdbx_seq_one_letter_code
_entity_poly.pdbx_strand_id
1 'polypeptide(L)'
;GPLGSMPVTINNFNYNDPIDNNNIIMMEPPFARGTGRYYKAFKITDRIWIIPERYTFGYKPEDFNKSSGIFNRDVCEYYD
PDYLNTNDKKNIFLQTMIKLFNRIKSKPLGEKLLEMIINGIPYLGDRRVPLEEFNTNIASVTVNKLISNPGEVERKKGIF
ANLIIFGPGPVLNENETIDIGIQNHFASREGFGGIMQMKFCPEYVSVFNNVQENKGASIFNRRGYFSDPALILMHELIHV
LHGLYGIKVDDLPIVPNEKKFFMQSTDAIQAEELYTFGGQDPSIITPSTDKSIYDKVLQNFRGIVDRLNKVLVCISDPNI
NINIYKNKFKDKYKFVEDSEGKYSIDVESFDKLYKSLMFGFTETNIAENYKIKTRASYFSDSLPPVKIKNLLDNEIYTIE
EGFNISDKDMEKEYRGQNKAINKQAYEEISKEHLAVYKIQMCKSVK
;
A
2 'polypeptide(L)'
;GPLGSQVQLVESGGGLVQTGGSLRLSCAASGRTFRRNTMGWFRQAPGKVREFVAAISWSGDRTYCADSVKGRFTISRDNA
KNTVDLLMNSLKPEDTAIYYCAADGTASVFNSYASADRNKYNYWGQGTQVTVSS
;
D
#
loop_
_chem_comp.id
_chem_comp.type
_chem_comp.name
_chem_comp.formula
EDO non-polymer 1,2-ETHANEDIOL 'C2 H6 O2'
ZN non-polymer 'ZINC ION' 'Zn 2'
#
# COMPACT_ATOMS: atom_id res chain seq x y z
N PRO A 7 -22.09 -8.91 -13.40
CA PRO A 7 -20.66 -8.76 -13.67
C PRO A 7 -19.83 -9.09 -12.44
N VAL A 8 -20.10 -8.48 -11.29
CA VAL A 8 -19.33 -8.77 -10.06
C VAL A 8 -20.26 -9.35 -9.01
N THR A 9 -19.97 -10.58 -8.61
CA THR A 9 -20.77 -11.34 -7.66
C THR A 9 -19.98 -11.44 -6.36
N ILE A 10 -20.59 -10.99 -5.26
CA ILE A 10 -19.93 -11.08 -3.94
C ILE A 10 -20.40 -12.40 -3.32
N ASN A 11 -19.47 -13.29 -3.01
CA ASN A 11 -19.86 -14.59 -2.48
C ASN A 11 -20.18 -14.52 -0.98
N ASN A 12 -20.96 -15.49 -0.51
CA ASN A 12 -21.32 -15.58 0.90
C ASN A 12 -20.75 -16.87 1.48
N PHE A 13 -20.33 -16.83 2.74
CA PHE A 13 -19.77 -18.00 3.43
C PHE A 13 -19.66 -17.63 4.90
N ASN A 14 -19.52 -18.67 5.73
CA ASN A 14 -19.27 -18.51 7.16
C ASN A 14 -17.87 -19.05 7.43
N TYR A 15 -17.17 -18.45 8.40
CA TYR A 15 -15.80 -18.88 8.66
C TYR A 15 -15.72 -20.39 8.89
N ASN A 16 -16.71 -20.98 9.59
CA ASN A 16 -16.60 -22.40 9.92
C ASN A 16 -17.11 -23.33 8.82
N ASP A 17 -17.54 -22.81 7.68
CA ASP A 17 -17.91 -23.67 6.56
C ASP A 17 -16.71 -24.55 6.16
N PRO A 18 -16.97 -25.78 5.71
CA PRO A 18 -15.86 -26.66 5.33
C PRO A 18 -15.07 -26.19 4.11
N ILE A 19 -13.78 -26.51 4.10
CA ILE A 19 -12.97 -26.31 2.89
C ILE A 19 -13.65 -27.01 1.73
N ASP A 20 -13.79 -26.31 0.61
CA ASP A 20 -14.38 -26.98 -0.53
C ASP A 20 -13.46 -26.94 -1.74
N ASN A 21 -12.21 -26.49 -1.56
CA ASN A 21 -11.20 -26.40 -2.62
C ASN A 21 -11.68 -25.52 -3.79
N ASN A 22 -12.77 -24.76 -3.61
CA ASN A 22 -13.25 -23.80 -4.61
C ASN A 22 -13.21 -22.34 -4.11
N ASN A 23 -14.22 -21.92 -3.36
CA ASN A 23 -14.24 -20.58 -2.76
C ASN A 23 -13.73 -20.58 -1.33
N ILE A 24 -13.56 -21.76 -0.73
CA ILE A 24 -13.01 -21.85 0.63
C ILE A 24 -11.84 -22.82 0.53
N ILE A 25 -10.62 -22.33 0.69
CA ILE A 25 -9.43 -23.14 0.37
C ILE A 25 -8.40 -22.97 1.49
N MET A 26 -7.37 -23.81 1.50
CA MET A 26 -6.18 -23.52 2.29
C MET A 26 -5.12 -22.93 1.36
N MET A 27 -4.73 -21.68 1.65
CA MET A 27 -3.91 -20.92 0.73
C MET A 27 -2.59 -20.57 1.39
N GLU A 28 -1.53 -20.73 0.64
CA GLU A 28 -0.19 -20.26 1.01
C GLU A 28 0.02 -18.92 0.37
N PRO A 29 0.03 -17.81 1.13
CA PRO A 29 0.08 -16.50 0.51
C PRO A 29 1.48 -16.19 -0.03
N PRO A 30 1.60 -15.16 -0.90
CA PRO A 30 2.85 -14.98 -1.68
C PRO A 30 4.15 -14.95 -0.86
N PHE A 31 4.18 -14.21 0.26
CA PHE A 31 5.41 -14.11 1.03
C PHE A 31 5.75 -15.41 1.75
N ALA A 32 4.80 -16.32 1.81
CA ALA A 32 5.02 -17.66 2.35
C ALA A 32 5.26 -18.68 1.26
N ARG A 33 5.43 -18.26 -0.01
CA ARG A 33 5.62 -19.25 -1.08
C ARG A 33 6.66 -20.29 -0.71
N GLY A 34 6.31 -21.57 -0.80
CA GLY A 34 7.26 -22.63 -0.57
C GLY A 34 7.43 -23.04 0.89
N THR A 35 6.87 -22.27 1.83
CA THR A 35 7.04 -22.57 3.27
C THR A 35 6.02 -23.55 3.81
N GLY A 36 4.92 -23.79 3.10
CA GLY A 36 3.92 -24.68 3.64
C GLY A 36 3.07 -24.06 4.72
N ARG A 37 3.08 -22.73 4.87
CA ARG A 37 2.21 -22.04 5.81
C ARG A 37 0.92 -21.72 5.06
N TYR A 38 -0.13 -22.48 5.33
CA TYR A 38 -1.42 -22.28 4.66
C TYR A 38 -2.41 -21.69 5.65
N TYR A 39 -3.33 -20.88 5.10
CA TYR A 39 -4.37 -20.22 5.87
C TYR A 39 -5.71 -20.42 5.18
N LYS A 40 -6.76 -20.54 6.01
CA LYS A 40 -8.10 -20.70 5.46
C LYS A 40 -8.50 -19.38 4.79
N ALA A 41 -8.81 -19.48 3.51
CA ALA A 41 -9.00 -18.30 2.65
C ALA A 41 -10.34 -18.38 1.94
N PHE A 42 -10.97 -17.22 1.76
CA PHE A 42 -12.34 -17.14 1.26
C PHE A 42 -12.39 -16.27 0.02
N LYS A 43 -12.92 -16.81 -1.08
CA LYS A 43 -12.96 -16.05 -2.32
C LYS A 43 -14.20 -15.17 -2.34
N ILE A 44 -14.01 -13.88 -2.03
CA ILE A 44 -15.18 -13.00 -1.93
C ILE A 44 -15.69 -12.63 -3.30
N THR A 45 -14.79 -12.52 -4.30
CA THR A 45 -15.25 -12.42 -5.69
C THR A 45 -14.14 -13.01 -6.56
N ASP A 46 -14.39 -13.12 -7.87
CA ASP A 46 -13.36 -13.64 -8.81
C ASP A 46 -12.00 -12.98 -8.54
N ARG A 47 -10.96 -13.77 -8.24
CA ARG A 47 -9.56 -13.27 -8.04
C ARG A 47 -9.34 -12.63 -6.65
N ILE A 48 -10.39 -12.24 -5.92
CA ILE A 48 -10.16 -11.53 -4.62
C ILE A 48 -10.41 -12.49 -3.45
N TRP A 49 -9.47 -12.54 -2.49
CA TRP A 49 -9.54 -13.44 -1.36
C TRP A 49 -9.45 -12.66 -0.05
N ILE A 50 -10.16 -13.16 0.96
CA ILE A 50 -10.05 -12.67 2.32
C ILE A 50 -9.41 -13.79 3.14
N ILE A 51 -8.36 -13.45 3.86
CA ILE A 51 -7.76 -14.34 4.85
C ILE A 51 -7.93 -13.65 6.19
N PRO A 52 -8.91 -14.07 6.99
CA PRO A 52 -9.18 -13.27 8.21
C PRO A 52 -8.23 -13.61 9.35
N GLU A 53 -6.96 -13.31 9.13
CA GLU A 53 -5.87 -13.53 10.06
C GLU A 53 -5.11 -12.23 10.20
N ARG A 54 -4.44 -12.04 11.33
CA ARG A 54 -3.56 -10.86 11.43
C ARG A 54 -2.45 -10.95 10.40
N TYR A 55 -2.01 -9.79 9.94
CA TYR A 55 -0.90 -9.70 9.01
C TYR A 55 0.41 -9.73 9.80
N THR A 56 1.25 -10.74 9.57
CA THR A 56 2.41 -10.95 10.44
C THR A 56 3.75 -10.90 9.71
N PHE A 57 3.75 -10.99 8.39
CA PHE A 57 5.00 -11.11 7.67
C PHE A 57 5.89 -9.87 7.88
N GLY A 58 7.12 -10.09 8.38
CA GLY A 58 8.05 -9.01 8.63
C GLY A 58 7.95 -8.39 10.01
N TYR A 59 6.97 -8.80 10.80
CA TYR A 59 6.85 -8.39 12.22
C TYR A 59 7.37 -9.48 13.15
N LYS A 60 7.45 -9.15 14.44
CA LYS A 60 7.74 -10.17 15.44
C LYS A 60 6.53 -10.32 16.34
N PRO A 61 6.32 -11.50 16.95
CA PRO A 61 5.07 -11.69 17.72
C PRO A 61 4.90 -10.67 18.82
N GLU A 62 5.98 -10.26 19.45
CA GLU A 62 5.90 -9.27 20.51
C GLU A 62 5.44 -7.90 20.01
N ASP A 63 5.50 -7.64 18.69
CA ASP A 63 5.06 -6.35 18.19
C ASP A 63 3.59 -6.10 18.42
N PHE A 64 2.81 -7.16 18.56
CA PHE A 64 1.36 -7.11 18.66
C PHE A 64 0.87 -6.74 20.05
N ASN A 65 1.76 -6.75 21.06
CA ASN A 65 1.40 -6.43 22.44
C ASN A 65 1.70 -4.97 22.78
N LYS A 66 0.75 -4.29 23.43
CA LYS A 66 1.04 -3.02 24.14
C LYS A 66 1.67 -1.98 23.20
N ARG A 73 1.72 4.35 23.67
CA ARG A 73 2.69 5.45 23.61
C ARG A 73 2.24 6.49 22.58
N ASP A 74 1.24 6.13 21.77
CA ASP A 74 0.74 7.01 20.71
C ASP A 74 -0.77 6.79 20.60
N VAL A 75 -1.57 7.81 20.94
CA VAL A 75 -3.01 7.60 20.83
C VAL A 75 -3.45 7.43 19.39
N CYS A 76 -2.65 7.82 18.41
CA CYS A 76 -3.06 7.62 17.03
C CYS A 76 -2.73 6.22 16.50
N GLU A 77 -2.11 5.37 17.30
CA GLU A 77 -1.78 3.99 16.91
C GLU A 77 -2.42 3.00 17.90
N TYR A 78 -3.49 2.31 17.49
CA TYR A 78 -4.21 1.44 18.41
C TYR A 78 -3.74 0.00 18.28
N TYR A 79 -3.39 -0.60 19.42
CA TYR A 79 -2.98 -2.00 19.45
C TYR A 79 -4.03 -2.85 20.13
N ASP A 80 -4.21 -4.08 19.62
CA ASP A 80 -5.00 -5.04 20.37
C ASP A 80 -4.58 -6.43 19.92
N PRO A 81 -3.76 -7.13 20.71
CA PRO A 81 -3.31 -8.47 20.28
C PRO A 81 -4.43 -9.50 20.17
N ASP A 82 -5.57 -9.24 20.79
CA ASP A 82 -6.68 -10.19 20.76
C ASP A 82 -7.60 -10.03 19.56
N TYR A 83 -7.41 -9.01 18.71
CA TYR A 83 -8.24 -8.89 17.51
C TYR A 83 -8.04 -10.13 16.62
N LEU A 84 -9.14 -10.70 16.16
CA LEU A 84 -9.15 -11.92 15.32
C LEU A 84 -8.66 -13.19 16.01
N ASN A 85 -8.70 -13.30 17.34
CA ASN A 85 -8.09 -14.47 17.98
C ASN A 85 -9.07 -15.62 18.25
N THR A 86 -10.26 -15.60 17.66
CA THR A 86 -11.23 -16.69 17.80
C THR A 86 -11.92 -16.86 16.45
N ASN A 87 -12.52 -18.04 16.24
CA ASN A 87 -13.21 -18.26 14.97
C ASN A 87 -14.38 -17.30 14.80
N ASP A 88 -15.10 -17.01 15.88
CA ASP A 88 -16.19 -16.05 15.78
C ASP A 88 -15.70 -14.66 15.37
N LYS A 89 -14.59 -14.18 15.96
CA LYS A 89 -14.04 -12.91 15.50
C LYS A 89 -13.69 -12.95 14.03
N LYS A 90 -13.12 -14.08 13.57
CA LYS A 90 -12.78 -14.19 12.16
C LYS A 90 -14.05 -14.19 11.30
N ASN A 91 -15.11 -14.85 11.76
CA ASN A 91 -16.39 -14.77 11.03
C ASN A 91 -16.93 -13.34 10.96
N ILE A 92 -16.89 -12.59 12.09
CA ILE A 92 -17.35 -11.20 12.06
C ILE A 92 -16.58 -10.40 11.02
N PHE A 93 -15.27 -10.63 10.94
CA PHE A 93 -14.45 -9.95 9.96
C PHE A 93 -14.93 -10.28 8.55
N LEU A 94 -15.18 -11.58 8.30
CA LEU A 94 -15.59 -11.98 6.95
C LEU A 94 -16.91 -11.34 6.59
N GLN A 95 -17.91 -11.39 7.49
CA GLN A 95 -19.21 -10.80 7.16
C GLN A 95 -19.10 -9.30 6.96
N THR A 96 -18.21 -8.66 7.72
CA THR A 96 -18.03 -7.21 7.55
C THR A 96 -17.42 -6.91 6.19
N MET A 97 -16.40 -7.69 5.78
CA MET A 97 -15.82 -7.48 4.45
C MET A 97 -16.87 -7.71 3.35
N ILE A 98 -17.71 -8.73 3.51
CA ILE A 98 -18.79 -8.95 2.54
C ILE A 98 -19.67 -7.71 2.44
N LYS A 99 -20.07 -7.15 3.59
CA LYS A 99 -20.92 -5.97 3.57
C LYS A 99 -20.23 -4.80 2.89
N LEU A 100 -18.93 -4.64 3.17
CA LEU A 100 -18.22 -3.52 2.54
C LEU A 100 -18.12 -3.72 1.04
N PHE A 101 -17.94 -4.98 0.59
CA PHE A 101 -17.88 -5.16 -0.86
C PHE A 101 -19.24 -4.91 -1.49
N ASN A 102 -20.31 -5.29 -0.80
CA ASN A 102 -21.64 -4.98 -1.31
C ASN A 102 -21.85 -3.48 -1.37
N ARG A 103 -21.35 -2.74 -0.37
CA ARG A 103 -21.46 -1.28 -0.45
C ARG A 103 -20.65 -0.73 -1.63
N ILE A 104 -19.45 -1.27 -1.86
CA ILE A 104 -18.66 -0.81 -3.00
C ILE A 104 -19.42 -1.04 -4.31
N LYS A 105 -20.01 -2.21 -4.47
CA LYS A 105 -20.61 -2.40 -5.80
C LYS A 105 -21.99 -1.77 -5.94
N SER A 106 -22.50 -1.08 -4.89
CA SER A 106 -23.84 -0.51 -4.90
C SER A 106 -23.94 0.71 -5.81
N LYS A 107 -22.84 1.26 -6.28
CA LYS A 107 -22.87 2.35 -7.25
C LYS A 107 -21.97 2.00 -8.42
N PRO A 108 -22.28 2.52 -9.59
CA PRO A 108 -21.49 2.16 -10.80
C PRO A 108 -19.97 2.40 -10.68
N LEU A 109 -19.56 3.49 -10.02
CA LEU A 109 -18.13 3.81 -9.97
C LEU A 109 -17.36 2.72 -9.21
N GLY A 110 -17.89 2.24 -8.07
CA GLY A 110 -17.17 1.19 -7.33
C GLY A 110 -17.31 -0.17 -8.02
N GLU A 111 -18.46 -0.41 -8.64
CA GLU A 111 -18.58 -1.60 -9.49
C GLU A 111 -17.48 -1.59 -10.56
N LYS A 112 -17.26 -0.43 -11.21
CA LYS A 112 -16.25 -0.36 -12.26
C LYS A 112 -14.86 -0.61 -11.69
N LEU A 113 -14.58 -0.05 -10.50
CA LEU A 113 -13.31 -0.26 -9.84
C LEU A 113 -13.07 -1.75 -9.63
N LEU A 114 -14.08 -2.45 -9.09
CA LEU A 114 -13.96 -3.90 -8.88
C LEU A 114 -13.75 -4.63 -10.20
N GLU A 115 -14.51 -4.28 -11.24
CA GLU A 115 -14.32 -4.92 -12.56
C GLU A 115 -12.90 -4.73 -13.06
N MET A 116 -12.38 -3.50 -12.95
CA MET A 116 -11.01 -3.22 -13.40
CA MET A 116 -11.03 -3.28 -13.44
C MET A 116 -10.00 -4.02 -12.61
N ILE A 117 -10.26 -4.18 -11.28
CA ILE A 117 -9.31 -4.94 -10.47
C ILE A 117 -9.34 -6.41 -10.88
N ILE A 118 -10.54 -6.95 -11.09
CA ILE A 118 -10.67 -8.38 -11.43
C ILE A 118 -10.05 -8.66 -12.79
N ASN A 119 -10.30 -7.77 -13.75
CA ASN A 119 -9.78 -7.99 -15.11
C ASN A 119 -8.31 -7.61 -15.26
N GLY A 120 -7.75 -6.86 -14.29
CA GLY A 120 -6.37 -6.41 -14.31
C GLY A 120 -5.40 -7.51 -13.89
N ILE A 121 -5.50 -8.68 -14.53
CA ILE A 121 -4.70 -9.83 -14.06
C ILE A 121 -3.22 -9.56 -14.23
N PRO A 122 -2.39 -9.88 -13.23
CA PRO A 122 -0.95 -9.71 -13.38
C PRO A 122 -0.46 -10.35 -14.68
N TYR A 123 0.53 -9.71 -15.30
CA TYR A 123 1.21 -10.39 -16.40
C TYR A 123 1.81 -11.70 -15.88
N LEU A 124 1.92 -12.71 -16.77
CA LEU A 124 2.48 -14.01 -16.37
C LEU A 124 4.02 -13.97 -16.42
N GLY A 125 4.60 -13.27 -15.45
CA GLY A 125 6.04 -13.10 -15.40
C GLY A 125 6.40 -11.76 -14.74
N ASP A 126 7.69 -11.46 -14.83
CA ASP A 126 8.21 -10.21 -14.32
C ASP A 126 9.53 -9.97 -15.05
N ARG A 127 10.31 -8.99 -14.60
CA ARG A 127 11.48 -8.60 -15.39
C ARG A 127 12.50 -9.72 -15.52
N ARG A 128 12.44 -10.75 -14.64
CA ARG A 128 13.38 -11.87 -14.67
C ARG A 128 13.06 -12.86 -15.78
N VAL A 129 11.86 -12.78 -16.33
CA VAL A 129 11.37 -13.80 -17.27
C VAL A 129 11.81 -13.45 -18.70
N PRO A 130 12.40 -14.39 -19.46
CA PRO A 130 12.75 -14.12 -20.87
C PRO A 130 11.55 -13.57 -21.64
N LEU A 131 11.82 -12.74 -22.63
CA LEU A 131 10.75 -12.07 -23.37
C LEU A 131 9.78 -13.06 -23.99
N GLU A 132 10.29 -14.19 -24.51
CA GLU A 132 9.52 -15.17 -25.24
C GLU A 132 8.72 -16.11 -24.33
N GLU A 133 8.53 -15.76 -23.06
CA GLU A 133 8.17 -16.80 -22.05
C GLU A 133 7.09 -16.30 -21.09
N PHE A 134 6.17 -17.19 -20.70
CA PHE A 134 5.12 -16.85 -19.69
C PHE A 134 5.43 -17.68 -18.44
N ASN A 135 5.78 -17.04 -17.32
CA ASN A 135 6.17 -17.84 -16.12
C ASN A 135 5.14 -17.62 -15.02
N THR A 136 4.36 -18.66 -14.68
CA THR A 136 3.38 -18.55 -13.59
C THR A 136 4.00 -18.99 -12.26
N ASN A 137 5.19 -19.59 -12.30
CA ASN A 137 5.83 -20.13 -11.10
C ASN A 137 6.57 -19.05 -10.29
N ILE A 138 5.90 -17.92 -10.04
CA ILE A 138 6.46 -16.87 -9.22
C ILE A 138 5.36 -16.32 -8.31
N ALA A 139 5.80 -15.80 -7.18
CA ALA A 139 4.88 -15.41 -6.10
C ALA A 139 3.95 -14.28 -6.51
N SER A 140 4.37 -13.45 -7.46
CA SER A 140 3.51 -12.33 -7.86
C SER A 140 2.47 -12.77 -8.89
N VAL A 141 2.46 -14.06 -9.31
CA VAL A 141 1.49 -14.53 -10.31
C VAL A 141 0.59 -15.61 -9.74
N THR A 142 1.14 -16.53 -8.93
CA THR A 142 0.31 -17.60 -8.37
C THR A 142 0.51 -17.73 -6.87
N VAL A 143 -0.50 -18.31 -6.22
CA VAL A 143 -0.39 -18.78 -4.83
C VAL A 143 -0.72 -20.25 -4.83
N ASN A 144 -0.10 -20.99 -3.88
CA ASN A 144 -0.36 -22.41 -3.80
C ASN A 144 -1.59 -22.69 -2.96
N LYS A 145 -2.37 -23.64 -3.41
CA LYS A 145 -3.55 -24.15 -2.72
C LYS A 145 -3.27 -25.58 -2.30
N LEU A 146 -3.49 -25.86 -1.02
CA LEU A 146 -3.30 -27.23 -0.52
C LEU A 146 -4.55 -28.07 -0.73
N ILE A 147 -4.41 -29.20 -1.42
CA ILE A 147 -5.54 -30.11 -1.64
C ILE A 147 -5.32 -31.35 -0.78
N SER A 148 -6.25 -31.58 0.15
CA SER A 148 -6.17 -32.67 1.11
C SER A 148 -7.49 -33.41 1.08
N ASN A 149 -7.71 -34.10 0.06
CA ASN A 149 -8.96 -34.87 0.03
C ASN A 149 -8.73 -36.21 0.72
N PRO A 150 -9.64 -36.63 1.60
CA PRO A 150 -9.48 -37.93 2.28
C PRO A 150 -9.33 -39.08 1.28
N GLY A 151 -8.47 -40.03 1.64
CA GLY A 151 -8.14 -41.13 0.75
C GLY A 151 -7.29 -40.76 -0.44
N GLU A 152 -6.75 -39.54 -0.49
CA GLU A 152 -5.92 -39.14 -1.62
C GLU A 152 -4.59 -38.60 -1.11
N VAL A 153 -3.60 -38.61 -2.01
CA VAL A 153 -2.33 -37.99 -1.72
C VAL A 153 -2.50 -36.47 -1.60
N GLU A 154 -1.98 -35.90 -0.52
CA GLU A 154 -2.00 -34.43 -0.37
C GLU A 154 -1.10 -33.79 -1.40
N ARG A 155 -1.54 -32.68 -1.96
CA ARG A 155 -0.78 -32.01 -3.02
CA ARG A 155 -0.78 -32.01 -3.02
C ARG A 155 -1.09 -30.52 -3.00
N LYS A 156 -0.30 -29.78 -3.74
CA LYS A 156 -0.52 -28.35 -3.85
C LYS A 156 -0.70 -28.01 -5.32
N LYS A 157 -1.48 -26.97 -5.57
CA LYS A 157 -1.78 -26.55 -6.92
C LYS A 157 -1.65 -25.04 -6.91
N GLY A 158 -0.82 -24.52 -7.82
CA GLY A 158 -0.73 -23.07 -7.95
C GLY A 158 -1.98 -22.54 -8.64
N ILE A 159 -2.56 -21.47 -8.07
CA ILE A 159 -3.73 -20.83 -8.65
C ILE A 159 -3.45 -19.35 -8.85
N PHE A 160 -4.20 -18.77 -9.80
CA PHE A 160 -4.11 -17.32 -10.02
C PHE A 160 -4.94 -16.62 -8.98
N ALA A 161 -4.57 -15.36 -8.72
CA ALA A 161 -5.28 -14.46 -7.82
C ALA A 161 -4.82 -13.05 -8.15
N ASN A 162 -5.64 -12.04 -7.76
CA ASN A 162 -5.23 -10.65 -7.96
C ASN A 162 -5.03 -9.92 -6.64
N LEU A 163 -5.84 -10.22 -5.63
CA LEU A 163 -5.77 -9.49 -4.38
C LEU A 163 -6.08 -10.44 -3.23
N ILE A 164 -5.29 -10.32 -2.16
CA ILE A 164 -5.54 -11.02 -0.91
C ILE A 164 -5.60 -9.96 0.20
N ILE A 165 -6.69 -9.97 0.97
CA ILE A 165 -6.86 -8.99 2.06
C ILE A 165 -6.72 -9.77 3.34
N PHE A 166 -5.80 -9.33 4.19
CA PHE A 166 -5.65 -9.83 5.55
C PHE A 166 -6.29 -8.86 6.54
N GLY A 167 -6.37 -9.32 7.78
CA GLY A 167 -6.69 -8.46 8.91
C GLY A 167 -5.45 -7.63 9.23
N PRO A 168 -5.50 -6.89 10.33
CA PRO A 168 -4.48 -5.87 10.58
C PRO A 168 -3.17 -6.46 11.08
N GLY A 169 -2.11 -5.67 10.89
CA GLY A 169 -0.87 -5.94 11.61
C GLY A 169 -0.99 -5.48 13.06
N PRO A 170 0.16 -5.22 13.72
CA PRO A 170 0.13 -4.83 15.13
C PRO A 170 -0.72 -3.61 15.44
N VAL A 171 -0.74 -2.63 14.54
CA VAL A 171 -1.51 -1.41 14.78
C VAL A 171 -2.79 -1.54 13.95
N LEU A 172 -3.94 -1.64 14.63
CA LEU A 172 -5.17 -1.98 13.92
C LEU A 172 -5.52 -0.92 12.87
N ASN A 173 -5.29 0.37 13.15
CA ASN A 173 -5.84 1.39 12.26
C ASN A 173 -4.89 1.76 11.13
N GLU A 174 -3.77 1.08 10.98
CA GLU A 174 -2.81 1.37 9.92
C GLU A 174 -3.01 0.45 8.70
N ASN A 175 -4.07 0.75 7.97
CA ASN A 175 -4.38 -0.04 6.78
C ASN A 175 -3.31 0.20 5.75
N GLU A 176 -3.02 -0.83 4.94
CA GLU A 176 -1.95 -0.62 3.97
C GLU A 176 -2.08 -1.64 2.84
N THR A 177 -1.71 -1.20 1.65
CA THR A 177 -1.65 -2.07 0.45
C THR A 177 -0.17 -2.32 0.12
N ILE A 178 0.16 -3.57 -0.25
CA ILE A 178 1.53 -4.07 -0.28
C ILE A 178 1.78 -4.80 -1.59
N ASP A 179 2.86 -4.47 -2.28
CA ASP A 179 3.25 -5.24 -3.45
C ASP A 179 4.52 -6.05 -3.16
N ILE A 180 4.82 -6.95 -4.11
CA ILE A 180 5.88 -7.95 -3.97
C ILE A 180 7.14 -7.46 -4.68
N GLY A 181 8.23 -7.34 -3.96
CA GLY A 181 9.51 -6.92 -4.52
C GLY A 181 10.52 -8.05 -4.45
N ILE A 182 11.33 -8.13 -5.49
CA ILE A 182 12.40 -9.14 -5.58
C ILE A 182 13.65 -8.42 -6.04
N GLN A 183 14.73 -8.47 -5.24
CA GLN A 183 16.01 -7.93 -5.68
C GLN A 183 15.84 -6.50 -6.15
N ASN A 184 15.08 -5.74 -5.38
CA ASN A 184 14.87 -4.31 -5.48
C ASN A 184 13.99 -3.91 -6.67
N HIS A 185 13.30 -4.87 -7.28
CA HIS A 185 12.35 -4.54 -8.33
C HIS A 185 10.95 -5.06 -8.00
N PHE A 186 9.93 -4.26 -8.30
CA PHE A 186 8.56 -4.66 -8.03
C PHE A 186 7.80 -4.75 -9.36
N ALA A 187 7.29 -5.95 -9.68
CA ALA A 187 6.52 -6.11 -10.93
C ALA A 187 5.34 -5.15 -10.97
N SER A 188 4.77 -4.88 -9.80
CA SER A 188 3.64 -3.93 -9.67
C SER A 188 4.01 -2.49 -10.00
N ARG A 189 5.31 -2.19 -10.16
CA ARG A 189 5.79 -0.86 -10.51
C ARG A 189 6.44 -0.87 -11.89
N GLU A 190 6.42 -2.02 -12.61
CA GLU A 190 7.18 -2.14 -13.85
C GLU A 190 6.32 -2.60 -15.03
N GLY A 191 5.03 -2.31 -14.99
CA GLY A 191 4.15 -2.61 -16.13
C GLY A 191 3.50 -3.97 -16.05
N PHE A 192 4.14 -4.90 -15.36
CA PHE A 192 3.59 -6.27 -15.36
C PHE A 192 2.38 -6.39 -14.47
N GLY A 193 2.47 -5.75 -13.32
CA GLY A 193 1.44 -6.00 -12.31
C GLY A 193 1.83 -7.22 -11.48
N GLY A 194 1.16 -7.43 -10.36
CA GLY A 194 1.48 -8.54 -9.48
C GLY A 194 0.44 -8.65 -8.39
N ILE A 195 0.30 -9.84 -7.85
CA ILE A 195 -0.66 -10.07 -6.75
C ILE A 195 -0.47 -8.98 -5.72
N MET A 196 -1.58 -8.40 -5.33
CA MET A 196 -1.55 -7.33 -4.34
C MET A 196 -2.09 -7.86 -3.03
N GLN A 197 -1.60 -7.30 -1.93
CA GLN A 197 -2.03 -7.74 -0.62
C GLN A 197 -2.41 -6.51 0.20
N MET A 198 -3.20 -6.75 1.25
CA MET A 198 -3.67 -5.62 2.06
C MET A 198 -3.75 -6.09 3.51
N LYS A 199 -3.44 -5.17 4.45
CA LYS A 199 -3.77 -5.42 5.85
C LYS A 199 -4.84 -4.38 6.18
N PHE A 200 -6.01 -4.85 6.63
CA PHE A 200 -7.19 -3.95 6.68
C PHE A 200 -7.98 -4.21 7.95
N CYS A 201 -8.53 -3.16 8.56
CA CYS A 201 -9.36 -3.27 9.76
C CYS A 201 -10.60 -2.42 9.62
N PRO A 202 -11.80 -3.01 9.54
CA PRO A 202 -12.97 -2.17 9.23
C PRO A 202 -13.44 -1.33 10.40
N GLU A 203 -13.21 -1.77 11.65
CA GLU A 203 -13.91 -1.12 12.77
C GLU A 203 -13.15 0.05 13.37
N TYR A 204 -11.84 0.09 13.23
CA TYR A 204 -11.04 1.14 13.89
C TYR A 204 -10.71 2.16 12.81
N VAL A 205 -11.57 3.19 12.68
CA VAL A 205 -11.55 4.08 11.52
C VAL A 205 -10.85 5.39 11.86
N SER A 206 -10.35 6.03 10.79
CA SER A 206 -9.65 7.30 10.95
C SER A 206 -10.63 8.44 11.26
N VAL A 207 -10.07 9.52 11.83
CA VAL A 207 -10.84 10.71 12.16
C VAL A 207 -10.12 11.90 11.52
N PHE A 208 -10.91 12.91 11.08
CA PHE A 208 -10.27 14.04 10.40
C PHE A 208 -11.07 15.31 10.63
N ASN A 209 -10.35 16.45 10.55
CA ASN A 209 -10.98 17.74 10.67
C ASN A 209 -10.46 18.71 9.59
N ASN A 210 -9.70 18.19 8.61
CA ASN A 210 -9.23 19.04 7.51
C ASN A 210 -10.33 19.03 6.46
N VAL A 211 -11.33 19.90 6.68
CA VAL A 211 -12.48 19.97 5.78
C VAL A 211 -12.70 21.44 5.44
N GLN A 212 -13.30 21.69 4.25
CA GLN A 212 -13.44 23.07 3.80
C GLN A 212 -14.27 23.92 4.76
N GLU A 213 -15.29 23.34 5.40
CA GLU A 213 -16.13 24.20 6.21
C GLU A 213 -15.42 24.67 7.47
N ASN A 214 -14.26 24.07 7.82
CA ASN A 214 -13.54 24.63 8.96
C ASN A 214 -12.67 25.84 8.58
N LYS A 215 -12.57 26.15 7.30
CA LYS A 215 -11.64 27.17 6.82
C LYS A 215 -12.16 28.54 7.23
N GLY A 216 -11.44 29.23 8.14
CA GLY A 216 -11.89 30.51 8.65
C GLY A 216 -12.96 30.39 9.72
N ALA A 217 -13.41 29.18 10.04
CA ALA A 217 -14.46 29.04 11.04
C ALA A 217 -13.93 29.43 12.41
N SER A 218 -14.83 29.96 13.24
CA SER A 218 -14.45 30.13 14.64
C SER A 218 -14.23 28.75 15.24
N ILE A 219 -13.45 28.69 16.31
CA ILE A 219 -13.14 27.36 16.85
C ILE A 219 -14.41 26.59 17.18
N PHE A 220 -15.35 27.24 17.83
CA PHE A 220 -16.47 26.43 18.28
CA PHE A 220 -16.54 26.54 18.30
C PHE A 220 -17.46 26.10 17.17
N ASN A 221 -17.21 26.53 15.92
CA ASN A 221 -18.00 26.10 14.77
C ASN A 221 -17.28 25.04 13.95
N ARG A 222 -16.16 24.54 14.42
CA ARG A 222 -15.47 23.50 13.65
C ARG A 222 -16.13 22.12 13.78
N ARG A 223 -16.03 21.35 12.71
CA ARG A 223 -16.61 20.03 12.62
C ARG A 223 -15.51 18.99 12.44
N GLY A 224 -15.68 17.84 13.07
CA GLY A 224 -14.77 16.70 12.86
C GLY A 224 -15.60 15.47 12.58
N TYR A 225 -15.01 14.54 11.82
CA TYR A 225 -15.75 13.41 11.27
C TYR A 225 -14.97 12.13 11.47
N PHE A 226 -15.69 11.00 11.51
CA PHE A 226 -15.02 9.71 11.34
C PHE A 226 -15.29 9.15 9.95
N SER A 227 -14.36 8.32 9.49
CA SER A 227 -14.36 7.84 8.10
C SER A 227 -15.33 6.70 7.88
N ASP A 228 -15.81 6.60 6.64
CA ASP A 228 -16.59 5.44 6.23
C ASP A 228 -15.61 4.34 5.82
N PRO A 229 -15.64 3.16 6.46
CA PRO A 229 -14.64 2.14 6.14
C PRO A 229 -14.76 1.63 4.72
N ALA A 230 -15.92 1.84 4.06
CA ALA A 230 -15.96 1.48 2.64
C ALA A 230 -15.09 2.43 1.82
N LEU A 231 -14.98 3.69 2.23
CA LEU A 231 -14.08 4.60 1.49
C LEU A 231 -12.64 4.30 1.81
N ILE A 232 -12.36 3.98 3.09
CA ILE A 232 -11.02 3.54 3.47
C ILE A 232 -10.62 2.36 2.57
N LEU A 233 -11.52 1.40 2.43
CA LEU A 233 -11.22 0.23 1.61
C LEU A 233 -11.06 0.62 0.14
N MET A 234 -11.94 1.49 -0.38
CA MET A 234 -11.82 1.84 -1.80
C MET A 234 -10.55 2.64 -2.06
N HIS A 235 -10.10 3.42 -1.09
CA HIS A 235 -8.84 4.09 -1.20
C HIS A 235 -7.72 3.09 -1.38
N GLU A 236 -7.71 2.06 -0.52
CA GLU A 236 -6.73 1.00 -0.68
C GLU A 236 -6.87 0.29 -2.01
N LEU A 237 -8.12 0.02 -2.46
CA LEU A 237 -8.32 -0.65 -3.75
C LEU A 237 -7.78 0.17 -4.92
N ILE A 238 -7.71 1.49 -4.80
CA ILE A 238 -7.05 2.27 -5.86
C ILE A 238 -5.56 1.96 -5.88
N HIS A 239 -4.93 1.87 -4.73
CA HIS A 239 -3.54 1.36 -4.74
C HIS A 239 -3.45 -0.03 -5.37
N VAL A 240 -4.38 -0.92 -5.02
CA VAL A 240 -4.44 -2.26 -5.65
C VAL A 240 -4.51 -2.14 -7.18
N LEU A 241 -5.40 -1.28 -7.68
CA LEU A 241 -5.56 -1.12 -9.13
C LEU A 241 -4.24 -0.71 -9.76
N HIS A 242 -3.57 0.30 -9.17
CA HIS A 242 -2.29 0.72 -9.71
C HIS A 242 -1.30 -0.45 -9.74
N GLY A 243 -1.25 -1.24 -8.66
CA GLY A 243 -0.28 -2.31 -8.59
C GLY A 243 -0.61 -3.47 -9.51
N LEU A 244 -1.90 -3.67 -9.85
CA LEU A 244 -2.26 -4.75 -10.79
C LEU A 244 -1.95 -4.36 -12.21
N TYR A 245 -2.03 -3.06 -12.54
CA TYR A 245 -1.69 -2.60 -13.89
C TYR A 245 -0.21 -2.26 -14.02
N GLY A 246 0.56 -2.43 -12.93
CA GLY A 246 2.00 -2.23 -12.99
C GLY A 246 2.44 -0.78 -12.97
N ILE A 247 1.62 0.14 -12.43
CA ILE A 247 1.91 1.56 -12.49
C ILE A 247 1.97 2.19 -11.11
N LYS A 248 2.09 1.39 -10.06
CA LYS A 248 2.35 2.01 -8.76
C LYS A 248 3.62 2.85 -8.81
N VAL A 249 3.54 4.10 -8.33
CA VAL A 249 4.60 5.09 -8.59
C VAL A 249 5.78 4.81 -7.65
N ASP A 250 6.97 4.59 -8.21
CA ASP A 250 8.11 4.05 -7.49
C ASP A 250 9.04 5.19 -7.08
N ASP A 251 9.39 5.25 -5.80
CA ASP A 251 10.47 6.08 -5.26
C ASP A 251 10.35 7.54 -5.72
N LEU A 252 9.33 8.22 -5.22
CA LEU A 252 9.08 9.59 -5.69
C LEU A 252 8.44 10.39 -4.56
N PRO A 253 9.21 10.73 -3.54
CA PRO A 253 8.67 11.63 -2.51
C PRO A 253 8.41 13.00 -3.12
N ILE A 254 7.28 13.59 -2.75
CA ILE A 254 6.88 14.95 -3.15
C ILE A 254 7.00 15.81 -1.89
N VAL A 255 7.87 16.83 -1.93
CA VAL A 255 8.25 17.60 -0.75
C VAL A 255 7.65 18.99 -0.88
N PRO A 256 6.60 19.30 -0.12
CA PRO A 256 5.99 20.64 -0.20
C PRO A 256 6.98 21.68 0.25
N ASN A 257 7.02 22.80 -0.47
CA ASN A 257 7.74 23.97 0.05
C ASN A 257 6.81 25.08 0.49
N GLU A 258 5.50 24.86 0.45
CA GLU A 258 4.59 25.86 0.98
C GLU A 258 3.29 25.18 1.34
N LYS A 259 2.56 25.81 2.25
CA LYS A 259 1.30 25.26 2.70
C LYS A 259 0.18 25.85 1.86
N LYS A 260 -0.38 25.02 0.95
CA LYS A 260 -1.54 25.41 0.18
C LYS A 260 -2.82 25.38 1.01
N PHE A 261 -3.88 26.04 0.50
CA PHE A 261 -5.09 26.24 1.31
C PHE A 261 -5.74 24.92 1.75
N PHE A 262 -5.61 23.82 0.95
CA PHE A 262 -6.21 22.54 1.26
C PHE A 262 -5.33 21.68 2.16
N MET A 263 -4.10 22.11 2.40
CA MET A 263 -3.18 21.30 3.21
C MET A 263 -3.31 21.67 4.68
N GLN A 264 -3.40 20.65 5.54
CA GLN A 264 -3.28 20.91 6.97
C GLN A 264 -1.87 20.57 7.48
N SER A 265 -1.31 19.47 6.99
CA SER A 265 0.07 19.07 7.24
C SER A 265 0.91 19.40 5.99
N THR A 266 2.25 19.37 6.13
CA THR A 266 3.10 19.73 5.00
C THR A 266 4.25 18.73 4.86
N ASP A 267 4.08 17.54 5.39
CA ASP A 267 5.20 16.60 5.30
C ASP A 267 5.37 16.09 3.86
N ALA A 268 6.57 15.59 3.59
CA ALA A 268 6.82 14.90 2.31
C ALA A 268 5.94 13.65 2.21
N ILE A 269 5.39 13.39 1.02
CA ILE A 269 4.48 12.26 0.79
C ILE A 269 4.88 11.62 -0.54
N GLN A 270 4.83 10.29 -0.62
CA GLN A 270 4.96 9.64 -1.95
C GLN A 270 3.93 10.11 -2.99
N ALA A 271 4.38 10.29 -4.22
CA ALA A 271 3.46 10.66 -5.28
C ALA A 271 2.35 9.63 -5.44
N GLU A 272 2.64 8.35 -5.17
CA GLU A 272 1.59 7.33 -5.27
C GLU A 272 0.38 7.71 -4.42
N GLU A 273 0.63 8.29 -3.26
CA GLU A 273 -0.50 8.66 -2.38
C GLU A 273 -1.26 9.85 -2.93
N LEU A 274 -0.54 10.82 -3.53
CA LEU A 274 -1.19 12.04 -4.01
C LEU A 274 -2.12 11.76 -5.18
N TYR A 275 -1.70 10.89 -6.14
CA TYR A 275 -2.58 10.56 -7.25
C TYR A 275 -3.75 9.73 -6.76
N THR A 276 -3.50 8.81 -5.84
CA THR A 276 -4.58 8.00 -5.30
C THR A 276 -5.62 8.86 -4.58
N PHE A 277 -5.16 9.85 -3.80
CA PHE A 277 -6.12 10.75 -3.14
C PHE A 277 -6.87 11.64 -4.12
N GLY A 278 -6.18 12.22 -5.11
CA GLY A 278 -6.83 13.13 -6.04
C GLY A 278 -7.12 14.50 -5.43
N GLY A 279 -8.30 15.02 -5.76
CA GLY A 279 -8.62 16.40 -5.36
C GLY A 279 -7.60 17.37 -5.91
N GLN A 280 -7.07 18.22 -5.00
CA GLN A 280 -6.01 19.17 -5.32
C GLN A 280 -4.60 18.62 -5.13
N ASP A 281 -4.44 17.40 -4.61
CA ASP A 281 -3.11 16.96 -4.18
C ASP A 281 -2.11 16.84 -5.33
N PRO A 282 -2.46 16.31 -6.50
CA PRO A 282 -1.47 16.29 -7.60
C PRO A 282 -1.06 17.66 -8.08
N SER A 283 -1.81 18.73 -7.73
CA SER A 283 -1.52 20.08 -8.25
C SER A 283 -0.18 20.60 -7.75
N ILE A 284 0.37 20.04 -6.66
CA ILE A 284 1.68 20.50 -6.19
C ILE A 284 2.82 19.71 -6.83
N ILE A 285 2.52 18.74 -7.66
CA ILE A 285 3.57 18.04 -8.42
C ILE A 285 3.95 18.86 -9.64
N THR A 286 5.25 19.02 -9.86
CA THR A 286 5.71 19.84 -11.01
C THR A 286 5.30 19.20 -12.34
N PRO A 287 5.08 20.01 -13.38
CA PRO A 287 4.73 19.40 -14.69
C PRO A 287 5.78 18.42 -15.17
N SER A 288 7.05 18.76 -14.91
CA SER A 288 8.18 17.88 -15.24
C SER A 288 8.04 16.52 -14.58
N THR A 289 7.74 16.52 -13.27
CA THR A 289 7.61 15.23 -12.56
C THR A 289 6.40 14.46 -13.05
N ASP A 290 5.27 15.15 -13.21
CA ASP A 290 4.04 14.53 -13.72
C ASP A 290 4.28 13.91 -15.11
N LYS A 291 5.04 14.59 -15.97
CA LYS A 291 5.36 14.04 -17.28
C LYS A 291 6.32 12.85 -17.18
N SER A 292 7.25 12.86 -16.22
CA SER A 292 8.12 11.70 -16.09
C SER A 292 7.30 10.48 -15.71
N ILE A 293 6.22 10.68 -14.94
CA ILE A 293 5.43 9.54 -14.49
C ILE A 293 4.72 8.92 -15.68
N TYR A 294 4.10 9.78 -16.49
CA TYR A 294 3.46 9.36 -17.74
C TYR A 294 4.45 8.62 -18.63
N ASP A 295 5.64 9.19 -18.85
CA ASP A 295 6.63 8.57 -19.75
C ASP A 295 7.06 7.22 -19.24
N LYS A 296 7.16 7.04 -17.92
CA LYS A 296 7.57 5.76 -17.38
C LYS A 296 6.52 4.68 -17.63
N VAL A 297 5.23 5.00 -17.42
CA VAL A 297 4.17 4.03 -17.70
C VAL A 297 4.25 3.60 -19.16
N LEU A 298 4.43 4.58 -20.06
CA LEU A 298 4.48 4.29 -21.49
C LEU A 298 5.66 3.38 -21.82
N GLN A 299 6.85 3.73 -21.32
CA GLN A 299 8.03 2.88 -21.52
C GLN A 299 7.80 1.45 -20.98
N ASN A 300 7.21 1.34 -19.79
CA ASN A 300 6.96 0.00 -19.23
C ASN A 300 5.91 -0.74 -20.04
N PHE A 301 4.84 -0.07 -20.46
CA PHE A 301 3.87 -0.72 -21.35
C PHE A 301 4.47 -1.13 -22.70
N ARG A 302 5.40 -0.32 -23.26
CA ARG A 302 6.11 -0.74 -24.48
C ARG A 302 6.86 -2.06 -24.26
N GLY A 303 7.40 -2.26 -23.07
CA GLY A 303 8.05 -3.53 -22.76
C GLY A 303 7.07 -4.69 -22.81
N ILE A 304 5.88 -4.47 -22.26
CA ILE A 304 4.87 -5.53 -22.24
C ILE A 304 4.41 -5.82 -23.66
N VAL A 305 4.16 -4.78 -24.46
CA VAL A 305 3.69 -5.07 -25.81
C VAL A 305 4.75 -5.82 -26.61
N ASP A 306 6.02 -5.55 -26.38
CA ASP A 306 7.06 -6.30 -27.06
C ASP A 306 7.09 -7.75 -26.59
N ARG A 307 6.91 -7.99 -25.29
CA ARG A 307 6.80 -9.35 -24.77
C ARG A 307 5.65 -10.12 -25.45
N LEU A 308 4.49 -9.46 -25.61
CA LEU A 308 3.37 -10.17 -26.22
C LEU A 308 3.66 -10.50 -27.67
N ASN A 309 4.45 -9.67 -28.37
CA ASN A 309 4.83 -10.01 -29.74
C ASN A 309 5.86 -11.14 -29.80
N LYS A 310 6.48 -11.49 -28.68
CA LYS A 310 7.48 -12.53 -28.67
C LYS A 310 7.05 -13.82 -28.01
N VAL A 311 6.01 -13.81 -27.16
CA VAL A 311 5.79 -14.95 -26.26
C VAL A 311 5.36 -16.18 -27.05
N LEU A 312 6.06 -17.31 -26.79
CA LEU A 312 5.87 -18.56 -27.49
C LEU A 312 5.44 -19.70 -26.59
N VAL A 313 5.71 -19.61 -25.31
CA VAL A 313 5.60 -20.78 -24.43
C VAL A 313 5.27 -20.32 -23.03
N CYS A 314 4.54 -21.15 -22.30
CA CYS A 314 4.41 -20.97 -20.86
C CYS A 314 5.28 -22.03 -20.22
N ILE A 315 6.40 -21.64 -19.60
CA ILE A 315 7.34 -22.66 -19.16
C ILE A 315 6.91 -23.41 -17.92
N SER A 316 5.91 -22.91 -17.18
CA SER A 316 5.55 -23.49 -15.90
C SER A 316 4.23 -24.26 -15.97
N ASP A 317 3.51 -24.19 -17.09
CA ASP A 317 2.19 -24.83 -17.09
C ASP A 317 1.79 -25.13 -18.53
N PRO A 318 1.85 -26.39 -18.96
CA PRO A 318 1.58 -26.68 -20.37
C PRO A 318 0.10 -26.59 -20.73
N ASN A 319 -0.78 -26.35 -19.74
CA ASN A 319 -2.21 -26.14 -19.91
C ASN A 319 -2.60 -24.69 -20.18
N ILE A 320 -1.69 -23.73 -20.04
CA ILE A 320 -1.99 -22.34 -20.32
C ILE A 320 -2.08 -22.16 -21.82
N ASN A 321 -3.19 -21.58 -22.29
CA ASN A 321 -3.36 -21.29 -23.71
C ASN A 321 -2.74 -19.93 -24.00
N ILE A 322 -1.68 -19.91 -24.82
CA ILE A 322 -0.90 -18.69 -25.01
C ILE A 322 -1.75 -17.62 -25.67
N ASN A 323 -2.53 -18.02 -26.70
CA ASN A 323 -3.29 -17.02 -27.43
C ASN A 323 -4.40 -16.45 -26.59
N ILE A 324 -5.01 -17.24 -25.72
CA ILE A 324 -6.05 -16.69 -24.79
C ILE A 324 -5.42 -15.58 -23.91
N TYR A 325 -4.26 -15.86 -23.35
CA TYR A 325 -3.61 -14.89 -22.43
C TYR A 325 -3.09 -13.67 -23.19
N LYS A 326 -2.53 -13.87 -24.37
CA LYS A 326 -2.11 -12.72 -25.18
C LYS A 326 -3.32 -11.79 -25.37
N ASN A 327 -4.48 -12.39 -25.66
CA ASN A 327 -5.60 -11.48 -25.90
CA ASN A 327 -5.66 -11.55 -25.87
C ASN A 327 -6.13 -10.90 -24.58
N LYS A 328 -6.06 -11.63 -23.45
CA LYS A 328 -6.43 -11.03 -22.16
C LYS A 328 -5.55 -9.82 -21.89
N PHE A 329 -4.27 -9.93 -22.20
CA PHE A 329 -3.37 -8.80 -21.93
C PHE A 329 -3.54 -7.69 -22.94
N LYS A 330 -3.80 -8.03 -24.22
CA LYS A 330 -4.13 -7.00 -25.18
C LYS A 330 -5.28 -6.16 -24.64
N ASP A 331 -6.29 -6.82 -24.04
CA ASP A 331 -7.42 -6.06 -23.54
C ASP A 331 -7.08 -5.31 -22.27
N LYS A 332 -6.32 -5.92 -21.36
CA LYS A 332 -5.96 -5.23 -20.11
C LYS A 332 -5.24 -3.90 -20.38
N TYR A 333 -4.25 -3.92 -21.26
CA TYR A 333 -3.44 -2.75 -21.55
C TYR A 333 -3.95 -1.98 -22.74
N LYS A 334 -5.06 -2.38 -23.33
CA LYS A 334 -5.68 -1.63 -24.42
C LYS A 334 -4.72 -1.44 -25.61
N PHE A 335 -3.92 -2.47 -25.89
CA PHE A 335 -3.11 -2.52 -27.09
C PHE A 335 -3.96 -2.77 -28.33
N VAL A 336 -3.40 -2.41 -29.49
CA VAL A 336 -4.05 -2.70 -30.77
C VAL A 336 -3.19 -3.72 -31.51
N GLU A 337 -3.81 -4.38 -32.50
CA GLU A 337 -3.08 -5.33 -33.31
C GLU A 337 -3.34 -5.07 -34.79
N ASP A 338 -2.32 -5.34 -35.62
CA ASP A 338 -2.43 -5.09 -37.05
C ASP A 338 -2.86 -6.36 -37.77
N SER A 339 -2.99 -6.26 -39.11
CA SER A 339 -3.43 -7.38 -39.96
C SER A 339 -2.61 -8.64 -39.73
N GLU A 340 -1.32 -8.47 -39.38
CA GLU A 340 -0.41 -9.58 -39.20
C GLU A 340 -0.44 -10.14 -37.78
N GLY A 341 -1.20 -9.50 -36.89
CA GLY A 341 -1.28 -9.95 -35.52
C GLY A 341 -0.28 -9.29 -34.59
N LYS A 342 0.49 -8.31 -35.08
CA LYS A 342 1.47 -7.66 -34.24
C LYS A 342 0.79 -6.61 -33.38
N TYR A 343 1.10 -6.62 -32.08
CA TYR A 343 0.52 -5.66 -31.14
C TYR A 343 1.34 -4.38 -31.10
N SER A 344 0.66 -3.27 -30.76
CA SER A 344 1.36 -2.00 -30.57
C SER A 344 0.52 -1.10 -29.66
N ILE A 345 1.17 -0.05 -29.19
CA ILE A 345 0.49 0.99 -28.41
C ILE A 345 -0.19 2.00 -29.34
N ASP A 346 -1.47 2.22 -29.10
CA ASP A 346 -2.23 3.27 -29.78
C ASP A 346 -2.29 4.44 -28.80
N VAL A 347 -1.79 5.60 -29.21
CA VAL A 347 -1.62 6.69 -28.22
C VAL A 347 -2.98 7.10 -27.66
N GLU A 348 -4.00 7.17 -28.50
CA GLU A 348 -5.31 7.57 -28.01
C GLU A 348 -5.84 6.57 -26.98
N SER A 349 -5.76 5.26 -27.27
CA SER A 349 -6.12 4.24 -26.29
C SER A 349 -5.28 4.34 -25.04
N PHE A 350 -3.98 4.60 -25.21
CA PHE A 350 -3.08 4.65 -24.06
C PHE A 350 -3.43 5.82 -23.13
N ASP A 351 -3.60 7.02 -23.71
CA ASP A 351 -3.97 8.16 -22.87
C ASP A 351 -5.27 7.93 -22.11
N LYS A 352 -6.28 7.31 -22.77
CA LYS A 352 -7.56 7.05 -22.11
C LYS A 352 -7.39 6.12 -20.91
N LEU A 353 -6.65 5.01 -21.11
CA LEU A 353 -6.39 4.07 -20.05
C LEU A 353 -5.57 4.71 -18.94
N TYR A 354 -4.50 5.43 -19.32
CA TYR A 354 -3.67 6.11 -18.31
C TYR A 354 -4.51 7.05 -17.45
N LYS A 355 -5.36 7.87 -18.11
CA LYS A 355 -6.18 8.82 -17.35
C LYS A 355 -7.15 8.07 -16.45
N SER A 356 -7.70 6.94 -16.92
CA SER A 356 -8.61 6.20 -16.04
C SER A 356 -7.85 5.59 -14.85
N LEU A 357 -6.67 5.03 -15.10
CA LEU A 357 -5.94 4.38 -13.99
C LEU A 357 -5.39 5.39 -12.98
N MET A 358 -5.06 6.60 -13.41
CA MET A 358 -4.38 7.57 -12.53
C MET A 358 -5.29 8.66 -12.01
N PHE A 359 -6.36 9.00 -12.74
CA PHE A 359 -7.21 10.11 -12.38
C PHE A 359 -8.67 9.71 -12.29
N GLY A 360 -9.05 8.58 -12.86
CA GLY A 360 -10.44 8.19 -12.92
C GLY A 360 -10.95 7.72 -11.57
N PHE A 361 -10.12 7.01 -10.81
CA PHE A 361 -10.47 6.52 -9.48
C PHE A 361 -9.58 7.24 -8.47
N THR A 362 -10.18 8.11 -7.68
CA THR A 362 -9.44 8.73 -6.58
C THR A 362 -10.30 8.68 -5.32
N GLU A 363 -9.62 8.83 -4.18
CA GLU A 363 -10.41 8.91 -2.94
C GLU A 363 -11.40 10.04 -3.03
N THR A 364 -10.98 11.20 -3.56
CA THR A 364 -11.84 12.38 -3.61
C THR A 364 -13.05 12.12 -4.53
N ASN A 365 -12.81 11.54 -5.71
CA ASN A 365 -13.87 11.26 -6.71
C ASN A 365 -14.90 10.31 -6.14
N ILE A 366 -14.37 9.26 -5.54
CA ILE A 366 -15.22 8.21 -4.99
C ILE A 366 -16.04 8.76 -3.84
N ALA A 367 -15.38 9.49 -2.93
CA ALA A 367 -16.17 10.11 -1.84
C ALA A 367 -17.34 10.94 -2.37
N GLU A 368 -17.07 11.81 -3.34
CA GLU A 368 -18.12 12.67 -3.86
C GLU A 368 -19.25 11.83 -4.46
N ASN A 369 -18.90 10.79 -5.20
CA ASN A 369 -19.90 9.96 -5.86
C ASN A 369 -20.74 9.18 -4.87
N TYR A 370 -20.14 8.75 -3.73
CA TYR A 370 -20.86 8.00 -2.70
C TYR A 370 -21.46 8.88 -1.62
N LYS A 371 -21.32 10.19 -1.74
CA LYS A 371 -21.80 11.11 -0.71
C LYS A 371 -21.25 10.73 0.65
N ILE A 372 -19.94 10.50 0.68
CA ILE A 372 -19.18 10.22 1.88
C ILE A 372 -18.31 11.44 2.18
N LYS A 373 -18.32 11.91 3.45
CA LYS A 373 -17.43 12.99 3.82
C LYS A 373 -16.00 12.44 3.84
N THR A 374 -15.08 13.20 3.25
CA THR A 374 -13.64 12.80 3.29
C THR A 374 -12.78 14.02 3.67
N ARG A 375 -11.48 13.80 3.91
CA ARG A 375 -10.55 14.92 4.21
C ARG A 375 -10.32 15.73 2.93
N ALA A 376 -9.91 16.99 3.06
CA ALA A 376 -9.73 17.86 1.88
C ALA A 376 -8.38 17.61 1.21
N SER A 377 -7.55 16.70 1.76
CA SER A 377 -6.21 16.49 1.24
C SER A 377 -5.62 15.28 1.95
N TYR A 378 -4.71 14.60 1.25
CA TYR A 378 -3.93 13.60 2.00
C TYR A 378 -3.04 14.27 3.04
N PHE A 379 -2.72 15.53 2.79
CA PHE A 379 -1.95 16.39 3.70
C PHE A 379 -2.87 16.81 4.86
N SER A 380 -3.17 15.84 5.71
CA SER A 380 -4.05 16.05 6.88
C SER A 380 -3.39 15.44 8.11
N ASP A 381 -3.59 16.08 9.25
CA ASP A 381 -2.98 15.59 10.48
C ASP A 381 -3.53 14.22 10.84
N SER A 382 -2.72 13.44 11.57
CA SER A 382 -3.22 12.24 12.25
C SER A 382 -4.02 12.66 13.46
N LEU A 383 -5.24 12.18 13.57
CA LEU A 383 -6.08 12.29 14.75
C LEU A 383 -6.31 10.89 15.32
N PRO A 384 -6.77 10.78 16.57
CA PRO A 384 -6.94 9.45 17.13
C PRO A 384 -8.06 8.73 16.41
N PRO A 385 -7.94 7.44 16.19
CA PRO A 385 -9.02 6.70 15.55
C PRO A 385 -10.15 6.49 16.58
N VAL A 386 -11.31 6.07 16.08
CA VAL A 386 -12.43 5.67 16.94
C VAL A 386 -12.85 4.26 16.51
N LYS A 387 -13.63 3.61 17.36
CA LYS A 387 -14.14 2.26 17.08
C LYS A 387 -15.60 2.38 16.66
N ILE A 388 -15.95 1.83 15.48
CA ILE A 388 -17.37 1.78 15.13
C ILE A 388 -18.09 0.75 16.00
N LYS A 389 -19.28 1.10 16.50
CA LYS A 389 -19.92 0.22 17.49
C LYS A 389 -20.29 -1.12 16.86
N ASN A 390 -20.90 -1.10 15.67
CA ASN A 390 -21.30 -2.34 15.02
C ASN A 390 -21.64 -2.07 13.54
N LEU A 391 -20.67 -2.34 12.65
CA LEU A 391 -20.92 -2.14 11.23
C LEU A 391 -21.98 -3.09 10.69
N LEU A 392 -22.24 -4.16 11.41
CA LEU A 392 -23.21 -5.15 10.93
C LEU A 392 -24.64 -4.83 11.35
N ASP A 393 -24.82 -3.69 12.02
CA ASP A 393 -26.14 -3.24 12.47
C ASP A 393 -26.65 -2.22 11.45
N ASN A 394 -27.73 -2.55 10.73
CA ASN A 394 -28.27 -1.66 9.71
C ASN A 394 -28.87 -0.39 10.31
N GLU A 395 -29.11 -0.38 11.63
CA GLU A 395 -29.49 0.88 12.25
C GLU A 395 -28.33 1.87 12.28
N ILE A 396 -27.08 1.39 12.17
CA ILE A 396 -25.90 2.25 12.23
C ILE A 396 -25.30 2.49 10.84
N TYR A 397 -25.30 1.45 10.02
CA TYR A 397 -24.47 1.50 8.83
C TYR A 397 -25.12 0.58 7.80
N THR A 398 -25.38 1.11 6.59
CA THR A 398 -26.00 0.30 5.56
C THR A 398 -25.16 0.24 4.29
N ILE A 399 -25.44 -0.82 3.53
CA ILE A 399 -24.83 -0.96 2.20
C ILE A 399 -25.09 0.28 1.35
N GLU A 400 -26.33 0.78 1.37
CA GLU A 400 -26.72 1.84 0.44
CA GLU A 400 -26.60 1.82 0.39
C GLU A 400 -26.14 3.20 0.86
N GLU A 401 -26.14 3.48 2.14
CA GLU A 401 -25.84 4.86 2.56
C GLU A 401 -24.71 4.98 3.59
N GLY A 402 -24.05 3.88 3.95
CA GLY A 402 -23.03 3.92 4.97
C GLY A 402 -23.65 4.45 6.25
N PHE A 403 -22.97 5.44 6.87
CA PHE A 403 -23.50 6.04 8.08
C PHE A 403 -24.57 7.08 7.80
N ASN A 404 -24.63 7.59 6.57
CA ASN A 404 -25.37 8.83 6.28
C ASN A 404 -26.79 8.52 5.83
N ILE A 405 -27.54 7.94 6.78
CA ILE A 405 -28.79 7.28 6.48
C ILE A 405 -29.91 8.31 6.45
N SER A 406 -30.59 8.41 5.30
CA SER A 406 -31.66 9.39 5.14
C SER A 406 -32.77 9.21 6.17
N ASP A 407 -33.19 7.96 6.39
CA ASP A 407 -34.33 7.69 7.26
C ASP A 407 -34.05 8.01 8.73
N LYS A 408 -32.80 8.29 9.11
CA LYS A 408 -32.43 8.80 10.43
C LYS A 408 -32.11 10.29 10.36
N ASP A 409 -32.34 10.93 9.22
CA ASP A 409 -31.91 12.31 8.96
C ASP A 409 -30.39 12.47 9.14
N MET A 410 -29.62 11.46 8.75
CA MET A 410 -28.18 11.52 8.83
C MET A 410 -27.54 11.74 7.46
N GLU A 411 -28.35 11.99 6.42
CA GLU A 411 -27.72 12.20 5.11
C GLU A 411 -27.32 13.67 4.96
N LYS A 412 -28.17 14.57 5.46
CA LYS A 412 -27.95 15.99 5.42
C LYS A 412 -26.59 16.36 6.03
N GLU A 413 -25.76 17.06 5.26
CA GLU A 413 -24.48 17.59 5.78
C GLU A 413 -23.57 16.49 6.33
N TYR A 414 -23.70 15.27 5.84
CA TYR A 414 -22.91 14.14 6.29
C TYR A 414 -22.96 14.01 7.82
N ARG A 415 -24.11 14.34 8.41
CA ARG A 415 -24.27 14.26 9.88
C ARG A 415 -23.95 12.89 10.42
N GLY A 416 -24.19 11.83 9.63
CA GLY A 416 -23.93 10.49 10.14
C GLY A 416 -22.46 10.22 10.40
N GLN A 417 -21.57 11.06 9.86
CA GLN A 417 -20.15 10.90 10.13
C GLN A 417 -19.61 11.93 11.09
N ASN A 418 -20.44 12.84 11.59
CA ASN A 418 -19.98 13.97 12.38
C ASN A 418 -19.85 13.52 13.84
N LYS A 419 -18.64 13.63 14.40
CA LYS A 419 -18.42 13.09 15.73
C LYS A 419 -19.28 13.79 16.78
N ALA A 420 -19.69 15.03 16.53
CA ALA A 420 -20.52 15.75 17.49
C ALA A 420 -21.99 15.41 17.35
N ILE A 421 -22.34 14.58 16.36
CA ILE A 421 -23.75 14.31 16.09
C ILE A 421 -24.02 12.82 16.29
N ASN A 422 -23.40 11.97 15.47
CA ASN A 422 -23.79 10.55 15.42
C ASN A 422 -23.01 9.72 16.45
N LYS A 423 -23.18 10.08 17.73
CA LYS A 423 -22.47 9.41 18.82
C LYS A 423 -22.93 7.97 19.03
N GLN A 424 -24.13 7.58 18.54
CA GLN A 424 -24.57 6.18 18.61
C GLN A 424 -23.66 5.27 17.79
N ALA A 425 -23.02 5.80 16.76
CA ALA A 425 -22.29 4.99 15.79
C ALA A 425 -20.89 4.59 16.24
N TYR A 426 -20.28 5.29 17.20
CA TYR A 426 -18.85 5.09 17.50
C TYR A 426 -18.59 5.23 18.99
N GLU A 427 -17.39 4.77 19.39
CA GLU A 427 -16.93 4.80 20.78
C GLU A 427 -15.52 5.39 20.77
N GLU A 428 -15.26 6.28 21.72
CA GLU A 428 -13.88 6.67 21.93
C GLU A 428 -13.15 5.53 22.59
N ILE A 429 -11.89 5.36 22.22
CA ILE A 429 -11.11 4.24 22.77
C ILE A 429 -10.76 4.48 24.23
N SER A 430 -10.51 5.73 24.61
CA SER A 430 -10.13 6.04 25.99
C SER A 430 -10.31 7.53 26.25
N LYS A 431 -10.29 7.90 27.53
CA LYS A 431 -10.41 9.33 27.84
C LYS A 431 -9.26 10.13 27.24
N GLU A 432 -8.08 9.52 27.13
CA GLU A 432 -6.94 10.24 26.58
C GLU A 432 -7.11 10.48 25.09
N HIS A 433 -7.63 9.48 24.38
CA HIS A 433 -7.97 9.68 22.96
C HIS A 433 -8.89 10.89 22.81
N LEU A 434 -9.96 10.94 23.62
CA LEU A 434 -10.89 12.07 23.51
C LEU A 434 -10.22 13.41 23.82
N ALA A 435 -9.39 13.45 24.86
CA ALA A 435 -8.75 14.71 25.23
C ALA A 435 -7.86 15.22 24.10
N VAL A 436 -7.14 14.30 23.45
CA VAL A 436 -6.27 14.72 22.34
C VAL A 436 -7.11 15.28 21.20
N TYR A 437 -8.20 14.57 20.86
CA TYR A 437 -9.10 15.09 19.83
C TYR A 437 -9.60 16.48 20.18
N LYS A 438 -10.01 16.69 21.43
CA LYS A 438 -10.53 18.00 21.83
C LYS A 438 -9.49 19.09 21.66
N ILE A 439 -8.22 18.79 21.98
CA ILE A 439 -7.18 19.78 21.77
C ILE A 439 -7.07 20.15 20.31
N GLN A 440 -7.10 19.16 19.45
CA GLN A 440 -6.93 19.41 18.02
C GLN A 440 -8.10 20.21 17.50
N MET A 441 -9.28 19.93 18.01
CA MET A 441 -10.46 20.62 17.51
C MET A 441 -10.53 22.05 18.02
N CYS A 442 -9.93 22.35 19.20
CA CYS A 442 -10.00 23.68 19.80
C CYS A 442 -8.83 24.57 19.47
N LYS A 443 -7.84 24.09 18.73
CA LYS A 443 -6.58 24.82 18.74
C LYS A 443 -6.58 25.92 17.70
N SER A 444 -5.95 27.03 18.08
CA SER A 444 -5.88 28.25 17.29
C SER A 444 -4.49 28.32 16.67
N VAL A 445 -4.43 28.60 15.36
CA VAL A 445 -3.17 28.74 14.61
C VAL A 445 -3.05 30.18 14.11
N LYS A 446 -1.90 30.79 14.36
CA LYS A 446 -1.62 32.21 14.03
C LYS A 446 -0.34 32.40 13.24
N GLY B 1 3.81 20.22 12.46
CA GLY B 1 5.04 19.75 11.85
C GLY B 1 5.66 20.71 10.83
N PRO B 2 6.97 20.61 10.54
CA PRO B 2 7.64 21.58 9.67
C PRO B 2 7.35 21.40 8.18
N LEU B 3 7.59 22.46 7.39
CA LEU B 3 7.45 22.30 5.92
C LEU B 3 8.38 21.14 5.54
N GLY B 4 7.89 20.22 4.70
CA GLY B 4 8.74 19.12 4.27
C GLY B 4 10.09 19.63 3.81
N SER B 5 10.13 20.82 3.19
CA SER B 5 11.38 21.37 2.67
C SER B 5 12.33 21.85 3.75
N GLN B 6 11.88 21.98 5.04
CA GLN B 6 12.73 22.35 6.17
C GLN B 6 13.41 21.14 6.84
N VAL B 7 13.04 19.94 6.46
CA VAL B 7 13.67 18.74 6.97
C VAL B 7 14.89 18.43 6.11
N GLN B 8 16.02 18.13 6.76
CA GLN B 8 17.25 17.82 6.04
C GLN B 8 17.89 16.61 6.67
N LEU B 9 18.26 15.65 5.82
CA LEU B 9 19.15 14.55 6.15
C LEU B 9 20.44 14.81 5.40
N VAL B 10 21.56 14.80 6.10
CA VAL B 10 22.85 15.08 5.46
C VAL B 10 23.74 13.84 5.64
N GLU B 11 24.05 13.17 4.56
CA GLU B 11 25.01 12.08 4.65
C GLU B 11 26.42 12.59 4.46
N SER B 12 27.35 11.93 5.16
CA SER B 12 28.77 12.27 5.08
C SER B 12 29.58 10.99 5.30
N GLY B 13 30.86 11.07 4.99
CA GLY B 13 31.78 9.97 5.26
C GLY B 13 32.13 9.18 3.99
N GLY B 14 31.53 9.54 2.86
CA GLY B 14 31.88 8.88 1.61
C GLY B 14 33.25 9.29 1.09
N GLY B 15 33.79 8.47 0.21
CA GLY B 15 35.08 8.75 -0.35
C GLY B 15 35.52 7.59 -1.22
N LEU B 16 36.79 7.61 -1.53
CA LEU B 16 37.44 6.61 -2.36
C LEU B 16 38.22 5.66 -1.45
N VAL B 17 37.99 4.36 -1.58
CA VAL B 17 38.84 3.40 -0.88
C VAL B 17 39.32 2.33 -1.84
N GLN B 18 40.38 1.65 -1.44
CA GLN B 18 40.86 0.47 -2.14
C GLN B 18 40.02 -0.73 -1.74
N THR B 19 39.97 -1.72 -2.63
CA THR B 19 39.28 -2.97 -2.35
C THR B 19 39.79 -3.57 -1.05
N GLY B 20 38.84 -3.99 -0.20
CA GLY B 20 39.12 -4.51 1.12
C GLY B 20 39.06 -3.49 2.22
N GLY B 21 39.03 -2.20 1.89
CA GLY B 21 39.00 -1.14 2.88
C GLY B 21 37.63 -0.97 3.50
N SER B 22 37.53 0.10 4.28
CA SER B 22 36.39 0.41 5.16
C SER B 22 36.07 1.90 5.10
N LEU B 23 34.79 2.22 5.25
CA LEU B 23 34.32 3.58 5.43
C LEU B 23 33.20 3.55 6.46
N ARG B 24 33.05 4.63 7.17
CA ARG B 24 31.88 4.79 8.00
C ARG B 24 31.08 5.98 7.48
N LEU B 25 29.87 5.70 7.00
CA LEU B 25 28.97 6.78 6.62
C LEU B 25 28.15 7.22 7.81
N SER B 26 27.75 8.49 7.81
CA SER B 26 26.90 8.95 8.90
C SER B 26 25.87 9.90 8.32
N CYS B 27 24.68 9.91 8.90
CA CYS B 27 23.61 10.81 8.44
C CYS B 27 23.11 11.62 9.64
N ALA B 28 23.12 12.95 9.52
CA ALA B 28 22.59 13.83 10.55
C ALA B 28 21.25 14.39 10.08
N ALA B 29 20.21 14.23 10.90
CA ALA B 29 18.89 14.76 10.60
C ALA B 29 18.61 16.05 11.34
N SER B 30 17.89 16.94 10.68
CA SER B 30 17.52 18.20 11.31
C SER B 30 16.17 18.64 10.76
N GLY B 31 15.49 19.50 11.51
CA GLY B 31 14.20 20.03 11.09
C GLY B 31 13.02 19.33 11.73
N ARG B 32 13.26 18.13 12.25
CA ARG B 32 12.34 17.37 13.08
C ARG B 32 13.15 16.21 13.68
N THR B 33 12.56 15.55 14.67
CA THR B 33 13.16 14.36 15.27
C THR B 33 12.68 13.15 14.52
N PHE B 34 13.51 12.13 14.53
CA PHE B 34 13.16 10.79 14.02
C PHE B 34 13.38 9.72 15.10
N ARG B 35 13.25 10.10 16.36
CA ARG B 35 13.53 9.24 17.50
C ARG B 35 12.54 8.09 17.65
N ARG B 36 11.42 8.12 16.93
CA ARG B 36 10.43 7.04 16.97
C ARG B 36 10.20 6.48 15.58
N ASN B 37 11.20 6.62 14.71
CA ASN B 37 11.04 6.35 13.29
C ASN B 37 12.13 5.41 12.78
N THR B 38 11.75 4.53 11.85
CA THR B 38 12.70 3.65 11.17
C THR B 38 13.58 4.47 10.23
N MET B 39 14.88 4.19 10.22
CA MET B 39 15.78 4.84 9.29
C MET B 39 16.45 3.78 8.44
N GLY B 40 16.85 4.15 7.21
CA GLY B 40 17.51 3.17 6.34
C GLY B 40 18.56 3.81 5.48
N TRP B 41 19.43 2.94 4.94
CA TRP B 41 20.45 3.30 3.98
C TRP B 41 20.13 2.57 2.71
N PHE B 42 20.26 3.28 1.59
CA PHE B 42 20.07 2.76 0.24
C PHE B 42 21.29 3.14 -0.57
N ARG B 43 21.44 2.53 -1.74
CA ARG B 43 22.53 2.97 -2.62
C ARG B 43 22.06 2.92 -4.06
N GLN B 44 22.62 3.80 -4.87
CA GLN B 44 22.23 3.84 -6.29
C GLN B 44 23.47 3.91 -7.16
N ALA B 45 23.62 2.91 -8.02
CA ALA B 45 24.67 2.89 -9.02
C ALA B 45 24.18 3.53 -10.29
N PRO B 46 25.10 4.02 -11.12
CA PRO B 46 24.70 4.60 -12.39
C PRO B 46 23.79 3.66 -13.17
N GLY B 47 22.68 4.22 -13.64
CA GLY B 47 21.71 3.50 -14.43
C GLY B 47 20.84 2.50 -13.70
N LYS B 48 20.77 2.56 -12.38
CA LYS B 48 20.03 1.55 -11.64
C LYS B 48 19.05 2.21 -10.67
N VAL B 49 18.15 1.37 -10.15
CA VAL B 49 17.20 1.82 -9.13
C VAL B 49 17.93 2.00 -7.79
N ARG B 50 17.27 2.69 -6.85
CA ARG B 50 17.83 2.86 -5.48
C ARG B 50 17.66 1.51 -4.78
N GLU B 51 18.77 0.89 -4.38
CA GLU B 51 18.74 -0.45 -3.80
C GLU B 51 18.84 -0.42 -2.28
N PHE B 52 18.07 -1.28 -1.64
CA PHE B 52 18.15 -1.36 -0.18
C PHE B 52 19.53 -1.83 0.28
N VAL B 53 20.02 -1.22 1.35
CA VAL B 53 21.25 -1.67 2.03
C VAL B 53 20.95 -2.15 3.46
N ALA B 54 20.39 -1.29 4.29
CA ALA B 54 20.17 -1.69 5.69
C ALA B 54 19.14 -0.76 6.34
N ALA B 55 18.44 -1.28 7.35
CA ALA B 55 17.48 -0.42 8.08
C ALA B 55 17.51 -0.75 9.57
N ILE B 56 17.02 0.19 10.36
CA ILE B 56 17.11 0.03 11.82
C ILE B 56 15.87 0.66 12.45
N SER B 57 15.30 -0.07 13.42
CA SER B 57 14.13 0.40 14.13
C SER B 57 14.52 1.59 15.01
N TRP B 58 13.49 2.25 15.57
CA TRP B 58 13.78 3.47 16.33
C TRP B 58 14.64 3.18 17.56
N SER B 59 14.46 2.02 18.18
CA SER B 59 15.20 1.68 19.39
C SER B 59 16.54 1.00 19.10
N GLY B 60 16.81 0.65 17.85
CA GLY B 60 17.95 -0.14 17.47
C GLY B 60 17.80 -1.61 17.76
N ASP B 61 16.64 -2.03 18.28
CA ASP B 61 16.51 -3.46 18.68
C ASP B 61 16.16 -4.34 17.46
N ARG B 62 15.91 -3.73 16.30
CA ARG B 62 15.51 -4.51 15.10
C ARG B 62 16.20 -3.95 13.85
N THR B 63 17.24 -4.64 13.37
CA THR B 63 17.95 -4.20 12.14
C THR B 63 17.69 -5.19 11.00
N TYR B 64 17.92 -4.77 9.75
CA TYR B 64 17.73 -5.65 8.60
C TYR B 64 18.70 -5.19 7.54
N CYS B 65 19.29 -6.14 6.79
CA CYS B 65 20.18 -5.66 5.76
CA CYS B 65 20.34 -5.79 5.84
C CYS B 65 20.11 -6.58 4.56
N ALA B 66 20.54 -6.05 3.43
CA ALA B 66 20.57 -6.84 2.20
C ALA B 66 21.50 -8.04 2.36
N ASP B 67 21.13 -9.16 1.73
CA ASP B 67 21.99 -10.35 1.76
C ASP B 67 23.43 -10.06 1.32
N SER B 68 23.60 -9.19 0.33
CA SER B 68 24.93 -8.99 -0.25
C SER B 68 25.86 -8.21 0.67
N VAL B 69 25.32 -7.58 1.71
CA VAL B 69 26.15 -6.80 2.64
C VAL B 69 26.14 -7.35 4.05
N LYS B 70 25.35 -8.39 4.32
CA LYS B 70 25.28 -8.98 5.65
C LYS B 70 26.65 -9.48 6.11
N GLY B 71 27.02 -9.12 7.34
CA GLY B 71 28.32 -9.55 7.90
C GLY B 71 29.41 -8.50 7.69
N ARG B 72 29.25 -7.65 6.67
CA ARG B 72 30.30 -6.64 6.35
C ARG B 72 29.81 -5.24 6.75
N PHE B 73 28.50 -4.97 6.62
CA PHE B 73 27.98 -3.64 6.90
C PHE B 73 27.17 -3.68 8.19
N THR B 74 27.40 -2.71 9.06
CA THR B 74 26.63 -2.61 10.29
C THR B 74 25.93 -1.25 10.30
N ILE B 75 24.60 -1.23 10.53
CA ILE B 75 23.85 0.02 10.75
C ILE B 75 23.67 0.23 12.26
N SER B 76 23.72 1.48 12.69
CA SER B 76 23.53 1.83 14.08
C SER B 76 22.95 3.23 14.12
N ARG B 77 22.49 3.66 15.29
CA ARG B 77 21.90 4.99 15.34
C ARG B 77 22.12 5.57 16.72
N ASP B 78 22.10 6.92 16.81
CA ASP B 78 22.25 7.60 18.07
C ASP B 78 21.17 8.65 18.11
N ASN B 79 20.03 8.32 18.76
CA ASN B 79 18.86 9.22 18.73
C ASN B 79 19.16 10.53 19.43
N ALA B 80 20.04 10.50 20.43
CA ALA B 80 20.35 11.74 21.14
C ALA B 80 21.06 12.73 20.22
N LYS B 81 21.83 12.24 19.25
CA LYS B 81 22.61 13.08 18.36
C LYS B 81 21.96 13.19 17.00
N ASN B 82 20.79 12.59 16.82
CA ASN B 82 20.04 12.64 15.56
C ASN B 82 20.85 12.06 14.40
N THR B 83 21.59 10.97 14.65
CA THR B 83 22.41 10.38 13.60
C THR B 83 22.04 8.92 13.34
N VAL B 84 22.34 8.49 12.12
CA VAL B 84 22.32 7.06 11.76
C VAL B 84 23.61 6.81 11.02
N ASP B 85 24.29 5.70 11.34
CA ASP B 85 25.58 5.39 10.75
C ASP B 85 25.54 4.06 10.02
N LEU B 86 26.44 3.91 9.06
CA LEU B 86 26.58 2.66 8.31
C LEU B 86 28.07 2.40 8.25
N LEU B 87 28.52 1.38 8.98
CA LEU B 87 29.93 1.01 8.97
C LEU B 87 30.09 -0.02 7.87
N MET B 88 30.95 0.26 6.92
CA MET B 88 31.13 -0.61 5.77
C MET B 88 32.53 -1.19 5.82
N ASN B 89 32.63 -2.49 6.06
CA ASN B 89 33.92 -3.18 6.03
C ASN B 89 33.99 -4.07 4.79
N SER B 90 35.22 -4.44 4.42
CA SER B 90 35.46 -5.37 3.32
C SER B 90 34.81 -4.87 2.03
N LEU B 91 35.02 -3.58 1.74
CA LEU B 91 34.41 -2.99 0.56
C LEU B 91 34.94 -3.61 -0.72
N LYS B 92 34.07 -3.78 -1.71
CA LYS B 92 34.41 -4.36 -2.99
C LYS B 92 34.01 -3.38 -4.08
N PRO B 93 34.61 -3.47 -5.27
CA PRO B 93 34.22 -2.53 -6.35
C PRO B 93 32.72 -2.50 -6.59
N GLU B 94 32.03 -3.64 -6.41
CA GLU B 94 30.59 -3.72 -6.62
C GLU B 94 29.82 -2.81 -5.69
N ASP B 95 30.43 -2.41 -4.56
CA ASP B 95 29.77 -1.51 -3.63
C ASP B 95 29.82 -0.06 -4.08
N THR B 96 30.45 0.27 -5.21
CA THR B 96 30.54 1.67 -5.63
C THR B 96 29.16 2.19 -5.97
N ALA B 97 28.77 3.35 -5.39
CA ALA B 97 27.41 3.89 -5.58
C ALA B 97 27.31 5.20 -4.80
N ILE B 98 26.23 5.95 -5.05
CA ILE B 98 25.80 7.03 -4.16
C ILE B 98 24.95 6.40 -3.07
N TYR B 99 25.36 6.59 -1.83
CA TYR B 99 24.66 6.07 -0.68
C TYR B 99 23.75 7.14 -0.12
N TYR B 100 22.52 6.74 0.16
CA TYR B 100 21.49 7.65 0.68
C TYR B 100 20.99 7.15 2.02
N CYS B 101 20.76 8.10 2.94
CA CYS B 101 20.04 7.79 4.16
C CYS B 101 18.61 8.30 4.02
N ALA B 102 17.67 7.54 4.56
CA ALA B 102 16.26 7.80 4.37
C ALA B 102 15.54 7.59 5.70
N ALA B 103 14.48 8.37 5.91
CA ALA B 103 13.70 8.27 7.13
C ALA B 103 12.26 7.97 6.78
N ASP B 104 11.63 7.12 7.57
CA ASP B 104 10.18 6.91 7.45
C ASP B 104 9.55 7.87 8.43
N GLY B 105 9.00 8.99 7.92
CA GLY B 105 8.52 10.05 8.79
C GLY B 105 7.27 9.70 9.56
N THR B 106 6.65 8.58 9.25
CA THR B 106 5.54 8.05 10.02
C THR B 106 6.06 7.10 11.09
N ALA B 107 5.65 7.29 12.32
CA ALA B 107 6.18 6.51 13.44
C ALA B 107 5.34 5.27 13.50
N SER B 108 5.79 4.22 12.86
CA SER B 108 5.04 2.97 12.77
C SER B 108 5.96 1.81 13.10
N VAL B 109 5.36 0.65 13.35
CA VAL B 109 6.13 -0.50 13.82
C VAL B 109 7.09 -0.96 12.74
N PHE B 110 8.36 -1.13 13.12
CA PHE B 110 9.35 -1.67 12.18
C PHE B 110 8.87 -2.99 11.59
N ASN B 111 8.99 -3.10 10.28
CA ASN B 111 8.69 -4.33 9.56
C ASN B 111 9.88 -4.60 8.66
N SER B 112 10.46 -5.80 8.72
CA SER B 112 11.71 -5.97 7.98
C SER B 112 11.47 -5.85 6.47
N TYR B 113 10.35 -6.44 5.99
CA TYR B 113 10.02 -6.34 4.55
C TYR B 113 9.76 -4.89 4.12
N ALA B 114 8.92 -4.17 4.87
CA ALA B 114 8.65 -2.78 4.54
C ALA B 114 9.92 -1.96 4.58
N SER B 115 10.86 -2.32 5.47
CA SER B 115 12.02 -1.46 5.65
C SER B 115 12.91 -1.52 4.43
N ALA B 116 12.76 -2.56 3.59
CA ALA B 116 13.56 -2.66 2.41
C ALA B 116 12.92 -1.93 1.21
N ASP B 117 11.75 -1.36 1.39
CA ASP B 117 11.05 -0.72 0.29
C ASP B 117 11.31 0.79 0.34
N ARG B 118 11.95 1.33 -0.72
CA ARG B 118 12.19 2.78 -0.81
C ARG B 118 10.90 3.61 -0.64
N ASN B 119 9.74 3.07 -1.06
CA ASN B 119 8.51 3.86 -0.97
C ASN B 119 8.07 4.09 0.48
N LYS B 120 8.64 3.34 1.43
CA LYS B 120 8.22 3.52 2.82
C LYS B 120 8.98 4.65 3.48
N TYR B 121 9.84 5.34 2.72
CA TYR B 121 10.62 6.45 3.27
C TYR B 121 10.24 7.72 2.53
N ASN B 122 9.97 8.81 3.27
CA ASN B 122 9.57 10.04 2.62
C ASN B 122 10.63 11.13 2.71
N TYR B 123 11.66 10.96 3.55
CA TYR B 123 12.72 11.95 3.67
C TYR B 123 14.01 11.29 3.26
N TRP B 124 14.76 11.94 2.36
CA TRP B 124 15.99 11.41 1.80
C TRP B 124 17.07 12.48 1.81
N GLY B 125 18.31 12.07 2.08
CA GLY B 125 19.44 12.98 1.93
C GLY B 125 19.79 13.17 0.43
N GLN B 126 20.81 14.03 0.16
CA GLN B 126 21.29 14.17 -1.22
C GLN B 126 22.34 13.14 -1.60
N GLY B 127 22.80 12.36 -0.65
CA GLY B 127 23.64 11.22 -0.96
C GLY B 127 25.11 11.54 -0.72
N THR B 128 25.91 10.47 -0.61
CA THR B 128 27.36 10.65 -0.46
C THR B 128 27.99 9.59 -1.37
N GLN B 129 28.89 10.02 -2.24
CA GLN B 129 29.51 9.08 -3.18
C GLN B 129 30.52 8.16 -2.48
N VAL B 130 30.44 6.86 -2.81
CA VAL B 130 31.40 5.87 -2.34
C VAL B 130 31.99 5.21 -3.58
N THR B 131 33.31 5.22 -3.68
CA THR B 131 33.97 4.59 -4.81
C THR B 131 35.04 3.65 -4.30
N VAL B 132 35.01 2.40 -4.77
CA VAL B 132 35.93 1.35 -4.35
C VAL B 132 36.68 0.87 -5.59
N SER B 133 38.00 1.02 -5.57
CA SER B 133 38.82 0.77 -6.74
C SER B 133 39.73 -0.41 -6.43
N SER B 134 40.14 -1.13 -7.47
CA SER B 134 40.98 -2.30 -7.27
C SER B 134 42.42 -1.86 -7.34
C1 EDO C . 0.68 -11.89 5.98
O1 EDO C . 1.41 -12.35 7.12
C2 EDO C . 1.54 -11.92 4.76
O2 EDO C . 2.01 -13.25 4.49
C1 EDO D . -14.35 6.47 -14.13
O1 EDO D . -14.94 5.46 -14.94
C2 EDO D . -12.97 5.94 -13.78
O2 EDO D . -12.35 5.49 -15.00
ZN ZN E . -2.85 5.34 0.61
C1 EDO F . 6.57 -3.14 0.73
O1 EDO F . 6.45 -1.91 1.46
C2 EDO F . 5.80 -2.99 -0.60
O2 EDO F . 4.41 -2.59 -0.42
#